data_5OHO
#
_entry.id   5OHO
#
_cell.length_a   50.286
_cell.length_b   54.403
_cell.length_c   73.065
_cell.angle_alpha   90.000
_cell.angle_beta   90.000
_cell.angle_gamma   90.000
#
_symmetry.space_group_name_H-M   'P 21 21 21'
#
loop_
_entity.id
_entity.type
_entity.pdbx_description
1 polymer 'Transcription elongation factor SPT5'
2 non-polymer GLYCEROL
3 non-polymer 'CHLORIDE ION'
4 water water
#
_entity_poly.entity_id   1
_entity_poly.type   'polypeptide(L)'
_entity_poly.pdbx_seq_one_letter_code
;GPWGELVQLDPQTVGVIVRLERETFQVLNMYGKVVTVRHQAVTRKKDNRFAVALDSEQNNIHVKDIVKVIDGPHSGREGE
IRHLFRSFAFLHCKKLVENGGMFVCKTRHLVLA
;
_entity_poly.pdbx_strand_id   A,B
#
loop_
_chem_comp.id
_chem_comp.type
_chem_comp.name
_chem_comp.formula
CL non-polymer 'CHLORIDE ION' 'Cl -1'
GOL non-polymer GLYCEROL 'C3 H8 O3'
#
# COMPACT_ATOMS: atom_id res chain seq x y z
N GLY A 1 -16.07 -9.39 7.51
CA GLY A 1 -16.97 -8.85 8.50
C GLY A 1 -16.66 -7.41 8.86
N PRO A 2 -17.52 -6.79 9.68
CA PRO A 2 -17.34 -5.37 10.00
C PRO A 2 -16.25 -5.05 11.01
N TRP A 3 -15.72 -6.02 11.77
CA TRP A 3 -14.69 -5.64 12.73
C TRP A 3 -13.47 -5.06 12.01
N GLY A 4 -12.97 -3.92 12.52
CA GLY A 4 -11.79 -3.28 11.97
C GLY A 4 -12.01 -2.45 10.72
N GLU A 5 -13.26 -2.31 10.27
CA GLU A 5 -13.58 -1.59 9.06
C GLU A 5 -13.74 -0.10 9.33
N LEU A 6 -13.44 0.68 8.31
CA LEU A 6 -13.54 2.13 8.37
C LEU A 6 -15.00 2.53 8.14
N VAL A 7 -15.51 3.42 8.97
CA VAL A 7 -16.88 3.90 8.81
C VAL A 7 -16.93 5.41 8.87
N GLN A 8 -17.96 5.98 8.24
CA GLN A 8 -18.26 7.40 8.34
C GLN A 8 -19.28 7.58 9.47
N LEU A 9 -18.91 8.33 10.50
CA LEU A 9 -19.80 8.54 11.64
C LEU A 9 -20.78 9.68 11.39
N ASP A 10 -20.32 10.75 10.75
CA ASP A 10 -21.10 11.91 10.38
C ASP A 10 -20.31 12.56 9.23
N PRO A 11 -20.77 13.66 8.63
CA PRO A 11 -20.06 14.17 7.43
C PRO A 11 -18.57 14.43 7.61
N GLN A 12 -18.13 14.74 8.84
CA GLN A 12 -16.74 15.10 9.06
C GLN A 12 -15.90 14.01 9.72
N THR A 13 -16.52 13.05 10.41
CA THR A 13 -15.81 12.17 11.33
C THR A 13 -15.78 10.75 10.78
N VAL A 14 -14.59 10.12 10.78
CA VAL A 14 -14.47 8.71 10.43
C VAL A 14 -14.03 7.95 11.68
N GLY A 15 -14.22 6.64 11.63
CA GLY A 15 -13.78 5.79 12.72
C GLY A 15 -13.58 4.37 12.24
N VAL A 16 -13.13 3.53 13.17
CA VAL A 16 -12.90 2.12 12.90
C VAL A 16 -13.72 1.32 13.92
N ILE A 17 -14.45 0.33 13.43
CA ILE A 17 -15.24 -0.52 14.29
C ILE A 17 -14.31 -1.41 15.11
N VAL A 18 -14.45 -1.35 16.43
CA VAL A 18 -13.59 -2.12 17.32
C VAL A 18 -14.36 -3.09 18.21
N ARG A 19 -15.70 -3.07 18.24
CA ARG A 19 -16.45 -4.09 18.95
C ARG A 19 -17.80 -4.24 18.27
N LEU A 20 -18.26 -5.48 18.17
CA LEU A 20 -19.56 -5.82 17.60
C LEU A 20 -20.52 -6.17 18.73
N GLU A 21 -21.68 -5.52 18.74
CA GLU A 21 -22.77 -5.80 19.66
C GLU A 21 -24.01 -6.12 18.84
N ARG A 22 -25.08 -6.59 19.50
CA ARG A 22 -26.24 -7.09 18.75
CA ARG A 22 -26.24 -7.09 18.76
C ARG A 22 -26.91 -5.98 17.95
N GLU A 23 -27.02 -4.79 18.53
CA GLU A 23 -27.65 -3.68 17.81
C GLU A 23 -26.68 -2.55 17.49
N THR A 24 -25.47 -2.57 18.02
CA THR A 24 -24.58 -1.41 17.97
C THR A 24 -23.16 -1.86 17.67
N PHE A 25 -22.33 -0.88 17.28
CA PHE A 25 -20.89 -1.03 17.24
C PHE A 25 -20.27 -0.10 18.27
N GLN A 26 -19.11 -0.49 18.78
N GLN A 26 -19.13 -0.52 18.81
CA GLN A 26 -18.19 0.45 19.41
CA GLN A 26 -18.17 0.42 19.38
C GLN A 26 -17.17 0.86 18.35
C GLN A 26 -17.25 0.85 18.26
N VAL A 27 -17.06 2.16 18.12
CA VAL A 27 -16.23 2.72 17.04
C VAL A 27 -15.19 3.63 17.65
N LEU A 28 -13.93 3.41 17.30
CA LEU A 28 -12.84 4.30 17.69
C LEU A 28 -12.78 5.41 16.67
N ASN A 29 -13.14 6.63 17.07
CA ASN A 29 -13.20 7.70 16.09
C ASN A 29 -11.80 8.27 15.85
N MET A 30 -11.71 9.18 14.89
CA MET A 30 -10.42 9.74 14.47
C MET A 30 -9.77 10.61 15.52
N TYR A 31 -10.51 11.00 16.56
CA TYR A 31 -9.99 11.76 17.68
C TYR A 31 -9.49 10.87 18.81
N GLY A 32 -9.66 9.57 18.71
CA GLY A 32 -9.23 8.68 19.77
C GLY A 32 -10.27 8.36 20.82
N LYS A 33 -11.51 8.77 20.62
CA LYS A 33 -12.59 8.40 21.52
C LYS A 33 -13.38 7.24 20.95
N VAL A 34 -13.87 6.38 21.84
CA VAL A 34 -14.72 5.25 21.48
C VAL A 34 -16.18 5.66 21.70
N VAL A 35 -16.99 5.53 20.64
CA VAL A 35 -18.41 5.88 20.68
C VAL A 35 -19.23 4.62 20.35
N THR A 36 -20.46 4.62 20.84
CA THR A 36 -21.43 3.56 20.56
C THR A 36 -22.46 4.08 19.57
N VAL A 37 -22.67 3.32 18.49
CA VAL A 37 -23.57 3.74 17.42
C VAL A 37 -24.37 2.54 16.97
N ARG A 38 -25.62 2.79 16.56
CA ARG A 38 -26.41 1.72 15.97
C ARG A 38 -25.82 1.32 14.62
N HIS A 39 -25.98 0.03 14.28
CA HIS A 39 -25.37 -0.50 13.06
C HIS A 39 -25.69 0.36 11.85
N GLN A 40 -26.93 0.82 11.73
CA GLN A 40 -27.31 1.66 10.59
C GLN A 40 -26.93 3.12 10.71
N ALA A 41 -26.41 3.57 11.85
CA ALA A 41 -26.10 4.99 12.00
C ALA A 41 -24.75 5.36 11.41
N VAL A 42 -23.99 4.39 10.93
CA VAL A 42 -22.71 4.64 10.30
C VAL A 42 -22.74 4.01 8.92
N THR A 43 -21.99 4.62 8.01
CA THR A 43 -21.91 4.11 6.66
C THR A 43 -20.53 3.53 6.39
N ARG A 44 -20.51 2.47 5.60
CA ARG A 44 -19.26 1.81 5.29
C ARG A 44 -18.47 2.70 4.33
N LYS A 45 -17.22 2.95 4.66
CA LYS A 45 -16.40 3.88 3.90
C LYS A 45 -15.40 3.10 3.05
N LYS A 46 -15.23 3.55 1.81
CA LYS A 46 -14.29 2.90 0.90
C LYS A 46 -12.87 3.14 1.36
N ASP A 47 -12.16 2.06 1.73
N ASP A 47 -12.18 2.06 1.72
N ASP A 47 -12.18 2.06 1.75
CA ASP A 47 -10.79 2.20 2.21
CA ASP A 47 -10.79 2.10 2.13
CA ASP A 47 -10.78 2.14 2.12
C ASP A 47 -9.83 2.45 1.06
C ASP A 47 -9.92 2.57 0.97
C ASP A 47 -9.95 2.64 0.96
N ASN A 48 -8.89 3.37 1.28
CA ASN A 48 -7.89 3.79 0.30
C ASN A 48 -6.59 3.06 0.65
N ARG A 49 -6.46 1.82 0.16
CA ARG A 49 -5.29 1.00 0.45
C ARG A 49 -4.02 1.56 -0.13
N PHE A 50 -4.09 2.53 -1.04
CA PHE A 50 -2.92 3.10 -1.68
C PHE A 50 -2.59 4.49 -1.16
N ALA A 51 -3.20 4.87 -0.04
CA ALA A 51 -2.92 6.16 0.59
C ALA A 51 -1.44 6.27 0.93
N VAL A 52 -0.95 7.50 0.87
CA VAL A 52 0.42 7.81 1.28
C VAL A 52 0.39 9.05 2.16
N ALA A 53 1.25 9.06 3.17
CA ALA A 53 1.37 10.23 4.03
C ALA A 53 2.83 10.41 4.37
N LEU A 54 3.12 11.48 5.12
CA LEU A 54 4.46 11.76 5.61
C LEU A 54 4.53 11.45 7.10
N ASP A 55 5.63 10.83 7.55
CA ASP A 55 5.84 10.65 8.97
C ASP A 55 6.60 11.87 9.53
N SER A 56 7.04 11.77 10.79
CA SER A 56 7.67 12.90 11.47
C SER A 56 9.01 13.29 10.85
N GLU A 57 9.64 12.39 10.11
CA GLU A 57 10.92 12.67 9.45
C GLU A 57 10.76 12.82 7.95
N GLN A 58 9.52 13.09 7.50
CA GLN A 58 9.20 13.28 6.08
C GLN A 58 9.39 12.02 5.25
N ASN A 59 9.46 10.84 5.85
CA ASN A 59 9.39 9.60 5.07
C ASN A 59 7.97 9.40 4.55
N ASN A 60 7.87 8.85 3.35
CA ASN A 60 6.59 8.34 2.88
C ASN A 60 6.20 7.11 3.69
N ILE A 61 4.98 7.12 4.21
CA ILE A 61 4.42 5.95 4.88
C ILE A 61 3.16 5.52 4.14
N HIS A 62 2.88 4.23 4.25
CA HIS A 62 1.80 3.57 3.52
C HIS A 62 1.09 2.61 4.44
N VAL A 63 -0.11 2.21 4.03
CA VAL A 63 -0.78 1.11 4.69
C VAL A 63 0.15 -0.10 4.70
N LYS A 64 0.15 -0.84 5.82
CA LYS A 64 0.93 -2.04 6.16
C LYS A 64 2.27 -1.70 6.79
N ASP A 65 2.69 -0.43 6.77
CA ASP A 65 4.00 -0.07 7.31
C ASP A 65 4.02 -0.21 8.83
N ILE A 66 5.17 -0.58 9.36
CA ILE A 66 5.38 -0.62 10.79
C ILE A 66 6.00 0.70 11.21
N VAL A 67 5.38 1.37 12.17
CA VAL A 67 5.86 2.67 12.63
C VAL A 67 6.00 2.65 14.14
N LYS A 68 6.89 3.49 14.65
CA LYS A 68 6.98 3.79 16.07
C LYS A 68 6.31 5.14 16.34
N VAL A 69 5.69 5.25 17.52
CA VAL A 69 5.05 6.49 17.95
C VAL A 69 6.06 7.23 18.83
N ILE A 70 6.37 8.47 18.46
CA ILE A 70 7.44 9.24 19.11
C ILE A 70 6.93 10.52 19.76
N ASP A 71 5.62 10.75 19.77
CA ASP A 71 5.03 11.93 20.38
C ASP A 71 3.55 11.62 20.59
N GLY A 72 2.87 12.48 21.34
CA GLY A 72 1.45 12.33 21.54
C GLY A 72 1.13 11.26 22.56
N PRO A 73 -0.16 10.94 22.72
CA PRO A 73 -0.56 10.05 23.83
C PRO A 73 0.07 8.66 23.77
N HIS A 74 0.22 8.09 22.58
CA HIS A 74 0.71 6.72 22.43
C HIS A 74 2.22 6.66 22.22
N SER A 75 2.93 7.73 22.56
CA SER A 75 4.39 7.77 22.42
C SER A 75 5.04 6.57 23.09
N GLY A 76 5.92 5.90 22.36
CA GLY A 76 6.54 4.67 22.80
C GLY A 76 5.92 3.42 22.23
N ARG A 77 4.69 3.51 21.72
CA ARG A 77 4.06 2.34 21.13
C ARG A 77 4.61 2.07 19.75
N GLU A 78 4.29 0.90 19.22
CA GLU A 78 4.64 0.51 17.86
C GLU A 78 3.39 -0.09 17.22
N GLY A 79 3.20 0.16 15.93
CA GLY A 79 1.99 -0.39 15.32
C GLY A 79 2.08 -0.53 13.82
N GLU A 80 1.10 -1.24 13.29
CA GLU A 80 0.92 -1.43 11.85
C GLU A 80 -0.14 -0.46 11.36
N ILE A 81 0.17 0.30 10.31
CA ILE A 81 -0.82 1.20 9.71
C ILE A 81 -1.91 0.39 9.05
N ARG A 82 -3.15 0.53 9.52
CA ARG A 82 -4.30 -0.13 8.95
C ARG A 82 -5.11 0.76 8.02
N HIS A 83 -5.35 2.02 8.44
CA HIS A 83 -6.02 3.01 7.62
C HIS A 83 -5.24 4.32 7.72
N LEU A 84 -4.98 4.95 6.57
CA LEU A 84 -4.05 6.07 6.51
C LEU A 84 -4.71 7.25 5.86
N PHE A 85 -4.57 8.42 6.50
CA PHE A 85 -4.99 9.71 5.99
C PHE A 85 -3.79 10.65 6.05
N ARG A 86 -3.93 11.82 5.42
CA ARG A 86 -2.79 12.74 5.38
C ARG A 86 -2.32 13.12 6.78
N SER A 87 -3.24 13.26 7.74
CA SER A 87 -2.88 13.80 9.04
CA SER A 87 -2.91 13.82 9.05
C SER A 87 -2.95 12.80 10.18
N PHE A 88 -3.54 11.62 9.97
CA PHE A 88 -3.64 10.67 11.06
C PHE A 88 -3.74 9.28 10.46
N ALA A 89 -3.52 8.28 11.31
CA ALA A 89 -3.60 6.89 10.89
C ALA A 89 -4.26 6.08 12.00
N PHE A 90 -5.03 5.07 11.58
CA PHE A 90 -5.49 4.04 12.49
C PHE A 90 -4.48 2.90 12.47
N LEU A 91 -3.93 2.58 13.64
CA LEU A 91 -2.90 1.57 13.77
C LEU A 91 -3.41 0.39 14.58
N HIS A 92 -2.75 -0.75 14.38
CA HIS A 92 -3.01 -1.96 15.14
C HIS A 92 -1.73 -2.46 15.78
N CYS A 93 -1.83 -2.84 17.06
CA CYS A 93 -0.75 -3.56 17.74
C CYS A 93 -1.39 -4.67 18.56
N LYS A 94 -0.97 -5.91 18.31
CA LYS A 94 -1.63 -7.04 18.94
C LYS A 94 -1.41 -7.05 20.44
N LYS A 95 -0.30 -6.46 20.91
CA LYS A 95 -0.06 -6.38 22.35
C LYS A 95 -1.04 -5.46 23.06
N LEU A 96 -1.66 -4.53 22.34
CA LEU A 96 -2.65 -3.63 22.94
C LEU A 96 -3.97 -4.37 23.06
N VAL A 97 -4.41 -4.64 24.29
CA VAL A 97 -5.70 -5.29 24.49
C VAL A 97 -6.86 -4.31 24.34
N GLU A 98 -6.63 -3.03 24.58
CA GLU A 98 -7.66 -2.01 24.47
C GLU A 98 -8.17 -1.94 23.03
N ASN A 99 -9.49 -1.87 22.86
CA ASN A 99 -10.12 -1.62 21.57
C ASN A 99 -9.67 -2.61 20.50
N GLY A 100 -9.46 -3.86 20.90
CA GLY A 100 -9.03 -4.90 19.97
C GLY A 100 -7.71 -4.61 19.29
N GLY A 101 -6.81 -3.86 19.94
CA GLY A 101 -5.52 -3.54 19.38
C GLY A 101 -5.48 -2.26 18.57
N MET A 102 -6.63 -1.64 18.30
CA MET A 102 -6.65 -0.47 17.44
C MET A 102 -6.37 0.82 18.22
N PHE A 103 -5.63 1.74 17.59
CA PHE A 103 -5.42 3.06 18.16
C PHE A 103 -5.14 4.04 17.03
N VAL A 104 -5.21 5.32 17.36
CA VAL A 104 -5.11 6.37 16.34
C VAL A 104 -4.04 7.38 16.76
N CYS A 105 -3.19 7.75 15.79
CA CYS A 105 -2.09 8.68 16.01
C CYS A 105 -2.05 9.68 14.87
N LYS A 106 -1.61 10.91 15.17
CA LYS A 106 -1.26 11.83 14.11
C LYS A 106 -0.06 11.31 13.33
N THR A 107 -0.08 11.50 12.00
CA THR A 107 1.03 11.02 11.20
C THR A 107 2.34 11.70 11.57
N ARG A 108 2.28 12.97 12.02
CA ARG A 108 3.52 13.61 12.42
C ARG A 108 4.06 13.10 13.76
N HIS A 109 3.32 12.25 14.47
CA HIS A 109 3.78 11.61 15.70
C HIS A 109 4.36 10.23 15.45
N LEU A 110 4.53 9.84 14.19
CA LEU A 110 4.98 8.53 13.79
C LEU A 110 6.38 8.62 13.18
N VAL A 111 7.11 7.51 13.26
CA VAL A 111 8.29 7.36 12.41
C VAL A 111 8.37 5.92 11.92
N LEU A 112 8.68 5.78 10.64
CA LEU A 112 8.82 4.47 10.05
C LEU A 112 9.89 3.69 10.80
N ALA A 113 9.52 2.48 11.23
CA ALA A 113 10.43 1.67 12.04
C ALA A 113 11.47 0.99 11.14
N GLY B 1 -1.06 7.34 -3.50
CA GLY B 1 -1.86 7.11 -4.70
C GLY B 1 -1.60 5.75 -5.32
N PRO B 2 -2.60 5.24 -6.08
CA PRO B 2 -2.45 3.91 -6.68
C PRO B 2 -1.54 3.82 -7.90
N TRP B 3 -1.38 4.89 -8.69
CA TRP B 3 -0.67 4.72 -9.95
C TRP B 3 0.80 4.34 -9.73
N GLY B 4 1.27 3.37 -10.52
CA GLY B 4 2.63 2.88 -10.45
C GLY B 4 2.93 2.00 -9.28
N GLU B 5 1.92 1.66 -8.47
CA GLU B 5 2.14 0.80 -7.32
C GLU B 5 2.08 -0.66 -7.73
N LEU B 6 2.86 -1.47 -7.04
CA LEU B 6 2.88 -2.90 -7.29
C LEU B 6 1.80 -3.55 -6.46
N VAL B 7 1.03 -4.43 -7.10
CA VAL B 7 -0.06 -5.14 -6.43
C VAL B 7 0.08 -6.64 -6.65
N GLN B 8 -0.36 -7.40 -5.65
CA GLN B 8 -0.49 -8.84 -5.81
C GLN B 8 -1.80 -9.12 -6.52
N LEU B 9 -1.73 -9.77 -7.68
CA LEU B 9 -2.95 -10.10 -8.43
C LEU B 9 -3.53 -11.45 -8.02
N ASP B 10 -2.68 -12.40 -7.68
CA ASP B 10 -3.09 -13.67 -7.08
C ASP B 10 -1.83 -14.27 -6.43
N PRO B 11 -1.92 -15.42 -5.72
CA PRO B 11 -0.75 -15.92 -4.98
C PRO B 11 0.53 -16.12 -5.80
N GLN B 12 0.45 -16.09 -7.14
CA GLN B 12 1.62 -16.33 -7.97
C GLN B 12 1.96 -15.16 -8.89
N THR B 13 1.19 -14.07 -8.86
CA THR B 13 1.26 -13.05 -9.89
C THR B 13 1.19 -11.66 -9.27
N VAL B 14 2.00 -10.73 -9.81
CA VAL B 14 1.94 -9.32 -9.44
C VAL B 14 1.79 -8.50 -10.71
N GLY B 15 1.45 -7.22 -10.54
CA GLY B 15 1.38 -6.27 -11.63
C GLY B 15 1.49 -4.87 -11.07
N VAL B 16 1.58 -3.90 -11.97
CA VAL B 16 1.71 -2.49 -11.60
C VAL B 16 0.50 -1.75 -12.13
N ILE B 17 -0.11 -0.93 -11.27
CA ILE B 17 -1.26 -0.14 -11.66
C ILE B 17 -0.81 0.88 -12.71
N VAL B 18 -1.39 0.80 -13.90
CA VAL B 18 -1.02 1.72 -14.97
C VAL B 18 -2.16 2.65 -15.38
N ARG B 19 -3.39 2.40 -14.96
CA ARG B 19 -4.47 3.31 -15.28
C ARG B 19 -5.54 3.23 -14.20
N LEU B 20 -6.01 4.39 -13.76
CA LEU B 20 -7.04 4.49 -12.73
C LEU B 20 -8.40 4.71 -13.40
N GLU B 21 -9.27 3.68 -13.37
CA GLU B 21 -10.64 3.75 -13.83
C GLU B 21 -11.56 4.04 -12.65
N ARG B 22 -12.86 4.14 -12.92
CA ARG B 22 -13.79 4.61 -11.88
C ARG B 22 -13.88 3.63 -10.72
N GLU B 23 -14.07 2.35 -11.03
CA GLU B 23 -14.25 1.30 -10.03
C GLU B 23 -13.14 0.26 -10.08
N THR B 24 -12.25 0.39 -11.06
CA THR B 24 -11.30 -0.65 -11.43
C THR B 24 -9.95 0.00 -11.65
N PHE B 25 -8.89 -0.81 -11.64
CA PHE B 25 -7.58 -0.42 -12.15
C PHE B 25 -7.28 -1.24 -13.39
N GLN B 26 -6.57 -0.63 -14.34
CA GLN B 26 -5.84 -1.39 -15.34
C GLN B 26 -4.46 -1.66 -14.78
N VAL B 27 -4.04 -2.92 -14.82
CA VAL B 27 -2.81 -3.36 -14.17
C VAL B 27 -1.96 -4.07 -15.21
N LEU B 28 -0.71 -3.64 -15.36
CA LEU B 28 0.26 -4.34 -16.22
C LEU B 28 0.81 -5.50 -15.39
N ASN B 29 0.41 -6.73 -15.73
CA ASN B 29 0.89 -7.84 -14.93
C ASN B 29 2.31 -8.19 -15.36
N MET B 30 2.92 -9.10 -14.59
CA MET B 30 4.33 -9.41 -14.77
C MET B 30 4.61 -10.21 -16.05
N TYR B 31 3.56 -10.71 -16.70
CA TYR B 31 3.69 -11.33 -18.01
C TYR B 31 3.59 -10.33 -19.14
N GLY B 32 3.40 -9.05 -18.83
CA GLY B 32 3.35 -7.99 -19.81
C GLY B 32 1.98 -7.71 -20.37
N LYS B 33 0.94 -8.28 -19.80
CA LYS B 33 -0.43 -8.08 -20.24
C LYS B 33 -1.15 -7.14 -19.30
N VAL B 34 -2.09 -6.37 -19.83
CA VAL B 34 -2.91 -5.46 -19.03
C VAL B 34 -4.24 -6.15 -18.69
N VAL B 35 -4.57 -6.19 -17.41
CA VAL B 35 -5.79 -6.80 -16.92
C VAL B 35 -6.57 -5.74 -16.13
N THR B 36 -7.83 -6.05 -15.83
CA THR B 36 -8.70 -5.15 -15.11
C THR B 36 -9.10 -5.79 -13.79
N VAL B 37 -9.00 -5.04 -12.70
CA VAL B 37 -9.39 -5.54 -11.39
C VAL B 37 -10.15 -4.44 -10.66
N ARG B 38 -11.09 -4.87 -9.81
CA ARG B 38 -11.75 -3.93 -8.90
C ARG B 38 -10.74 -3.35 -7.92
N HIS B 39 -10.99 -2.09 -7.52
CA HIS B 39 -10.11 -1.42 -6.57
C HIS B 39 -9.91 -2.25 -5.31
N GLN B 40 -10.97 -2.87 -4.80
CA GLN B 40 -10.89 -3.59 -3.54
C GLN B 40 -10.39 -5.02 -3.70
N ALA B 41 -10.10 -5.45 -4.92
CA ALA B 41 -9.59 -6.78 -5.19
C ALA B 41 -8.08 -6.87 -5.02
N VAL B 42 -7.42 -5.78 -4.64
CA VAL B 42 -5.96 -5.75 -4.54
C VAL B 42 -5.56 -4.89 -3.35
N THR B 43 -4.35 -5.13 -2.86
CA THR B 43 -3.70 -4.27 -1.90
C THR B 43 -2.30 -3.95 -2.40
N ARG B 44 -1.63 -3.05 -1.69
CA ARG B 44 -0.31 -2.59 -2.08
C ARG B 44 0.78 -3.55 -1.58
N LYS B 45 1.65 -4.00 -2.50
CA LYS B 45 2.80 -4.79 -2.08
C LYS B 45 3.88 -3.86 -1.52
N LYS B 46 4.56 -4.33 -0.47
CA LYS B 46 5.52 -3.49 0.22
C LYS B 46 6.80 -3.32 -0.60
N ASP B 47 7.49 -2.22 -0.32
CA ASP B 47 8.81 -1.99 -0.89
C ASP B 47 9.81 -2.86 -0.14
N ASN B 48 10.50 -3.74 -0.86
CA ASN B 48 11.50 -4.63 -0.28
CA ASN B 48 11.51 -4.62 -0.27
C ASN B 48 12.85 -4.35 -0.94
N ARG B 49 13.51 -3.29 -0.46
CA ARG B 49 14.82 -2.88 -0.97
C ARG B 49 15.86 -3.99 -0.85
N PHE B 50 15.71 -4.89 0.11
CA PHE B 50 16.72 -5.88 0.42
C PHE B 50 16.42 -7.26 -0.17
N ALA B 51 15.43 -7.35 -1.05
CA ALA B 51 15.21 -8.61 -1.77
C ALA B 51 16.28 -8.79 -2.84
N VAL B 52 16.85 -9.99 -2.89
CA VAL B 52 17.92 -10.28 -3.84
C VAL B 52 17.29 -10.51 -5.21
N ALA B 53 17.78 -9.78 -6.22
CA ALA B 53 17.46 -10.00 -7.61
C ALA B 53 18.77 -9.94 -8.40
N LEU B 54 18.93 -10.88 -9.32
CA LEU B 54 20.17 -11.01 -10.07
C LEU B 54 19.90 -10.73 -11.54
N ASP B 55 20.84 -10.05 -12.18
CA ASP B 55 20.72 -9.81 -13.62
C ASP B 55 21.33 -10.99 -14.38
N SER B 56 21.54 -10.81 -15.69
CA SER B 56 22.07 -11.87 -16.54
C SER B 56 23.51 -12.26 -16.19
N GLU B 57 24.26 -11.39 -15.52
CA GLU B 57 25.62 -11.69 -15.13
C GLU B 57 25.73 -12.04 -13.66
N GLN B 58 24.61 -12.32 -13.00
CA GLN B 58 24.54 -12.56 -11.56
C GLN B 58 24.95 -11.36 -10.70
N ASN B 59 24.86 -10.15 -11.26
CA ASN B 59 24.97 -8.93 -10.46
C ASN B 59 23.68 -8.71 -9.66
N ASN B 60 23.82 -8.30 -8.41
CA ASN B 60 22.67 -7.87 -7.64
C ASN B 60 22.08 -6.60 -8.24
N ILE B 61 20.77 -6.59 -8.45
CA ILE B 61 20.07 -5.40 -8.94
C ILE B 61 19.00 -4.98 -7.95
N HIS B 62 18.68 -3.69 -7.96
CA HIS B 62 17.79 -3.08 -6.96
C HIS B 62 16.91 -2.04 -7.61
N VAL B 63 15.82 -1.71 -6.93
CA VAL B 63 14.98 -0.61 -7.42
C VAL B 63 15.84 0.65 -7.52
N LYS B 64 15.63 1.40 -8.60
CA LYS B 64 16.29 2.64 -9.02
C LYS B 64 17.58 2.37 -9.80
N ASP B 65 18.06 1.13 -9.88
CA ASP B 65 19.18 0.83 -10.76
C ASP B 65 18.79 1.08 -12.20
N ILE B 66 19.76 1.50 -13.01
CA ILE B 66 19.59 1.58 -14.46
C ILE B 66 20.09 0.29 -15.08
N VAL B 67 19.28 -0.30 -15.96
CA VAL B 67 19.61 -1.56 -16.63
C VAL B 67 19.44 -1.41 -18.13
N LYS B 68 20.17 -2.24 -18.86
CA LYS B 68 20.00 -2.39 -20.29
C LYS B 68 19.38 -3.76 -20.55
N VAL B 69 18.44 -3.79 -21.48
CA VAL B 69 17.74 -5.03 -21.80
C VAL B 69 18.53 -5.72 -22.90
N ILE B 70 18.91 -6.98 -22.64
CA ILE B 70 19.83 -7.74 -23.48
C ILE B 70 19.15 -8.85 -24.28
N ASP B 71 17.90 -9.18 -23.99
CA ASP B 71 17.18 -10.24 -24.70
C ASP B 71 15.69 -9.98 -24.47
N GLY B 72 14.86 -10.75 -25.17
CA GLY B 72 13.43 -10.65 -25.00
C GLY B 72 12.82 -9.53 -25.81
N PRO B 73 11.52 -9.31 -25.60
CA PRO B 73 10.82 -8.29 -26.42
C PRO B 73 11.40 -6.90 -26.31
N HIS B 74 11.99 -6.53 -25.17
CA HIS B 74 12.44 -5.17 -24.92
C HIS B 74 13.92 -4.98 -25.19
N SER B 75 14.54 -5.93 -25.89
CA SER B 75 15.96 -5.89 -26.20
CA SER B 75 15.95 -5.88 -26.18
C SER B 75 16.37 -4.53 -26.77
N GLY B 76 17.48 -4.01 -26.26
CA GLY B 76 18.00 -2.73 -26.69
C GLY B 76 17.48 -1.55 -25.89
N ARG B 77 16.41 -1.74 -25.14
CA ARG B 77 15.88 -0.67 -24.32
C ARG B 77 16.75 -0.49 -23.08
N GLU B 78 16.57 0.66 -22.46
CA GLU B 78 17.22 0.98 -21.20
C GLU B 78 16.15 1.56 -20.29
N GLY B 79 16.18 1.18 -19.01
CA GLY B 79 15.16 1.65 -18.10
C GLY B 79 15.66 1.68 -16.67
N GLU B 80 14.89 2.36 -15.84
CA GLU B 80 15.13 2.40 -14.41
C GLU B 80 14.23 1.35 -13.76
N ILE B 81 14.82 0.51 -12.91
CA ILE B 81 14.02 -0.50 -12.21
C ILE B 81 13.06 0.21 -11.26
N ARG B 82 11.77 -0.07 -11.42
CA ARG B 82 10.75 0.47 -10.52
C ARG B 82 10.27 -0.54 -9.50
N HIS B 83 10.16 -1.82 -9.90
CA HIS B 83 9.75 -2.91 -9.01
C HIS B 83 10.38 -4.22 -9.45
N LEU B 84 10.58 -5.10 -8.47
CA LEU B 84 11.15 -6.43 -8.64
C LEU B 84 10.25 -7.47 -8.00
N PHE B 85 10.03 -8.59 -8.69
CA PHE B 85 9.27 -9.71 -8.13
C PHE B 85 9.73 -11.01 -8.77
N ARG B 86 10.24 -11.93 -7.94
CA ARG B 86 10.75 -13.21 -8.43
C ARG B 86 11.67 -12.97 -9.62
N SER B 87 11.34 -13.54 -10.78
CA SER B 87 12.19 -13.44 -11.95
C SER B 87 11.86 -12.23 -12.83
N PHE B 88 11.07 -11.28 -12.32
CA PHE B 88 10.56 -10.17 -13.14
C PHE B 88 11.00 -8.81 -12.61
N ALA B 89 11.20 -7.87 -13.54
CA ALA B 89 11.54 -6.50 -13.23
C ALA B 89 10.60 -5.58 -14.00
N PHE B 90 9.98 -4.64 -13.29
CA PHE B 90 9.19 -3.58 -13.93
C PHE B 90 10.09 -2.36 -14.09
N LEU B 91 10.27 -1.92 -15.33
CA LEU B 91 11.16 -0.83 -15.69
C LEU B 91 10.36 0.37 -16.18
N HIS B 92 10.98 1.56 -16.09
CA HIS B 92 10.40 2.77 -16.64
C HIS B 92 11.36 3.35 -17.67
N CYS B 93 10.82 3.79 -18.82
CA CYS B 93 11.60 4.42 -19.88
C CYS B 93 10.96 5.74 -20.28
N LYS B 94 11.79 6.78 -20.39
CA LYS B 94 11.32 8.13 -20.66
C LYS B 94 10.68 8.27 -22.03
N LYS B 95 10.98 7.38 -22.98
CA LYS B 95 10.59 7.55 -24.36
C LYS B 95 9.24 6.90 -24.69
N LEU B 96 8.62 6.20 -23.75
CA LEU B 96 7.35 5.51 -23.98
C LEU B 96 6.25 6.19 -23.19
N VAL B 97 5.07 6.32 -23.81
CA VAL B 97 3.95 7.01 -23.15
C VAL B 97 2.94 6.00 -22.62
N GLU B 98 2.84 4.85 -23.28
CA GLU B 98 1.80 3.91 -22.89
C GLU B 98 2.19 3.18 -21.61
N ASN B 99 1.18 2.89 -20.79
CA ASN B 99 1.36 2.33 -19.46
C ASN B 99 2.29 3.20 -18.61
N GLY B 100 2.20 4.51 -18.79
CA GLY B 100 3.02 5.43 -18.04
C GLY B 100 4.51 5.22 -18.23
N GLY B 101 4.92 4.64 -19.36
CA GLY B 101 6.31 4.38 -19.61
C GLY B 101 6.82 3.09 -19.00
N MET B 102 5.96 2.32 -18.32
CA MET B 102 6.35 1.09 -17.67
C MET B 102 6.36 -0.06 -18.66
N PHE B 103 7.33 -0.96 -18.50
CA PHE B 103 7.32 -2.23 -19.20
C PHE B 103 7.94 -3.24 -18.26
N VAL B 104 7.78 -4.52 -18.57
CA VAL B 104 8.31 -5.56 -17.67
C VAL B 104 9.20 -6.51 -18.45
N CYS B 105 10.30 -6.93 -17.81
CA CYS B 105 11.32 -7.79 -18.37
C CYS B 105 11.61 -8.93 -17.40
N LYS B 106 12.08 -10.06 -17.94
CA LYS B 106 12.72 -11.04 -17.08
C LYS B 106 14.07 -10.52 -16.61
N THR B 107 14.42 -10.79 -15.35
CA THR B 107 15.68 -10.28 -14.83
C THR B 107 16.87 -10.91 -15.55
N ARG B 108 16.74 -12.16 -16.01
CA ARG B 108 17.82 -12.77 -16.76
C ARG B 108 18.01 -12.17 -18.15
N HIS B 109 17.12 -11.25 -18.56
CA HIS B 109 17.29 -10.51 -19.80
C HIS B 109 17.86 -9.11 -19.58
N LEU B 110 18.40 -8.84 -18.38
CA LEU B 110 18.89 -7.52 -18.00
C LEU B 110 20.38 -7.60 -17.70
N VAL B 111 21.05 -6.46 -17.86
CA VAL B 111 22.40 -6.27 -17.32
C VAL B 111 22.47 -4.87 -16.70
N LEU B 112 23.16 -4.75 -15.56
CA LEU B 112 23.33 -3.43 -14.97
C LEU B 112 24.03 -2.53 -15.99
N ALA B 113 23.59 -1.29 -16.09
CA ALA B 113 24.14 -0.37 -17.08
C ALA B 113 25.56 0.05 -16.71
C1 GOL C . -10.14 4.88 -3.67
O1 GOL C . -10.62 5.52 -4.83
C2 GOL C . -8.82 4.18 -3.97
O2 GOL C . -8.58 4.18 -5.36
C3 GOL C . -8.87 2.74 -3.47
O3 GOL C . -7.56 2.22 -3.50
C1 GOL D . -5.84 10.89 1.76
O1 GOL D . -5.89 11.50 3.03
C2 GOL D . -4.40 10.60 1.36
O2 GOL D . -3.73 10.01 2.45
C3 GOL D . -4.39 9.65 0.16
O3 GOL D . -3.07 9.44 -0.30
C1 GOL E . 27.04 -2.30 -21.56
O1 GOL E . 27.33 -1.22 -22.43
C2 GOL E . 27.12 -1.80 -20.11
O2 GOL E . 26.28 -0.67 -19.95
C3 GOL E . 26.68 -2.91 -19.17
O3 GOL E . 27.63 -3.95 -19.18
C1 GOL F . 8.47 -11.31 -21.24
O1 GOL F . 9.82 -11.60 -21.53
C2 GOL F . 8.38 -10.11 -20.30
O2 GOL F . 8.18 -8.96 -21.08
C3 GOL F . 7.21 -10.27 -19.35
O3 GOL F . 7.51 -11.22 -18.34
CL CL G . 16.29 -16.76 -21.53
#